data_1WOO
#
_entry.id   1WOO
#
_cell.length_a   52.499
_cell.length_b   53.942
_cell.length_c   149.400
_cell.angle_alpha   90.00
_cell.angle_beta   90.00
_cell.angle_gamma   90.00
#
_symmetry.space_group_name_H-M   'P 21 21 21'
#
loop_
_entity.id
_entity.type
_entity.pdbx_description
1 polymer Aminomethyltransferase
2 non-polymer (6S)-5,6,7,8-TETRAHYDROFOLATE
3 water water
#
_entity_poly.entity_id   1
_entity_poly.type   'polypeptide(L)'
_entity_poly.pdbx_seq_one_letter_code
;MKRTPLFEKHVELGAKMVDFAGWEMPLYYTSIFEEVMAVRKSVGMFDVSHMGEFLVKGPEAVSFIDFLITNDFSSLPDGK
AIYSVMCNENGGIIDDLVVYKVSPDEALMVVNAANIEKDFNWIKSHSKNFDVEVSNISDTTALIAFQGPKAQETLQELVE
DGLEEIAYYSFRKSIVAGVETLVSRTGYTGEDGFELMLEAKNAPKVWDALMNLLRKIDGRPAGLGARDVCRLEATYLLYG
QDMDENTNPFEVGLSWVVKLNKDFVGKEALLKAKEKVERKLVALELSGKRIARKGYEVLKNGERVGEITSGNFSPTLGKS
IALALVSKSVKIGDQLGVVFPGGKLVEALVVKKPFYRGSVRREV
;
_entity_poly.pdbx_strand_id   A
#
loop_
_chem_comp.id
_chem_comp.type
_chem_comp.name
_chem_comp.formula
THG non-polymer (6S)-5,6,7,8-TETRAHYDROFOLATE 'C19 H23 N7 O6'
#
# COMPACT_ATOMS: atom_id res chain seq x y z
N MET A 1 -12.62 -17.12 -9.42
CA MET A 1 -12.02 -15.94 -8.74
C MET A 1 -13.06 -14.85 -8.49
N LYS A 2 -12.70 -13.88 -7.64
CA LYS A 2 -13.60 -12.76 -7.36
C LYS A 2 -13.31 -11.73 -8.45
N ARG A 3 -14.31 -10.92 -8.78
CA ARG A 3 -14.14 -9.90 -9.80
C ARG A 3 -14.65 -8.54 -9.30
N THR A 4 -13.86 -7.49 -9.51
CA THR A 4 -14.28 -6.16 -9.10
C THR A 4 -15.34 -5.68 -10.08
N PRO A 5 -16.05 -4.58 -9.74
CA PRO A 5 -17.07 -4.07 -10.65
C PRO A 5 -16.49 -3.49 -11.94
N LEU A 6 -15.15 -3.53 -12.06
CA LEU A 6 -14.50 -3.02 -13.27
C LEU A 6 -13.93 -4.16 -14.12
N PHE A 7 -14.17 -5.39 -13.69
CA PHE A 7 -13.67 -6.55 -14.41
C PHE A 7 -13.88 -6.45 -15.93
N GLU A 8 -15.12 -6.25 -16.35
CA GLU A 8 -15.50 -6.15 -17.75
C GLU A 8 -14.69 -5.09 -18.50
N LYS A 9 -14.45 -3.95 -17.87
CA LYS A 9 -13.67 -2.90 -18.51
C LYS A 9 -12.27 -3.43 -18.79
N HIS A 10 -11.69 -4.12 -17.80
CA HIS A 10 -10.35 -4.66 -17.95
C HIS A 10 -10.28 -5.68 -19.08
N VAL A 11 -11.29 -6.54 -19.16
CA VAL A 11 -11.34 -7.56 -20.20
C VAL A 11 -11.48 -6.93 -21.58
N GLU A 12 -12.35 -5.93 -21.69
CA GLU A 12 -12.57 -5.26 -22.97
C GLU A 12 -11.34 -4.45 -23.38
N LEU A 13 -10.50 -4.12 -22.40
CA LEU A 13 -9.28 -3.37 -22.67
C LEU A 13 -8.14 -4.30 -23.12
N GLY A 14 -8.42 -5.61 -23.10
CA GLY A 14 -7.43 -6.59 -23.52
C GLY A 14 -6.33 -6.92 -22.53
N ALA A 15 -6.55 -6.65 -21.25
CA ALA A 15 -5.55 -6.91 -20.22
C ALA A 15 -5.28 -8.41 -19.97
N LYS A 16 -4.05 -8.73 -19.57
CA LYS A 16 -3.71 -10.10 -19.25
C LYS A 16 -4.09 -10.24 -17.78
N MET A 17 -4.97 -11.20 -17.48
CA MET A 17 -5.41 -11.39 -16.12
C MET A 17 -4.48 -12.28 -15.30
N VAL A 18 -4.48 -12.06 -13.99
CA VAL A 18 -3.66 -12.80 -13.06
C VAL A 18 -4.54 -13.04 -11.83
N ASP A 19 -4.25 -14.07 -11.06
CA ASP A 19 -5.02 -14.36 -9.85
C ASP A 19 -4.26 -13.75 -8.69
N PHE A 20 -4.79 -12.66 -8.16
CA PHE A 20 -4.16 -11.98 -7.03
C PHE A 20 -5.10 -12.01 -5.82
N ALA A 21 -4.67 -12.69 -4.76
CA ALA A 21 -5.47 -12.77 -3.54
C ALA A 21 -6.91 -13.25 -3.77
N GLY A 22 -7.09 -14.17 -4.72
CA GLY A 22 -8.42 -14.68 -5.00
C GLY A 22 -9.21 -13.83 -5.98
N TRP A 23 -8.65 -12.71 -6.40
CA TRP A 23 -9.33 -11.82 -7.33
C TRP A 23 -8.78 -11.97 -8.76
N GLU A 24 -9.66 -11.82 -9.75
CA GLU A 24 -9.25 -11.89 -11.14
C GLU A 24 -8.87 -10.44 -11.48
N MET A 25 -7.58 -10.16 -11.53
CA MET A 25 -7.11 -8.80 -11.77
C MET A 25 -6.16 -8.64 -12.96
N PRO A 26 -6.05 -7.40 -13.47
CA PRO A 26 -5.17 -7.13 -14.61
C PRO A 26 -3.71 -7.01 -14.19
N LEU A 27 -2.85 -7.87 -14.73
CA LEU A 27 -1.43 -7.80 -14.44
C LEU A 27 -0.90 -6.54 -15.16
N TYR A 28 -1.35 -6.37 -16.41
CA TYR A 28 -1.00 -5.22 -17.24
C TYR A 28 -1.98 -5.16 -18.40
N TYR A 29 -2.00 -4.04 -19.11
CA TYR A 29 -2.88 -3.89 -20.26
C TYR A 29 -2.02 -3.93 -21.51
N THR A 30 -1.01 -3.07 -21.56
CA THR A 30 -0.10 -3.02 -22.68
C THR A 30 1.17 -3.74 -22.26
N SER A 31 1.87 -3.15 -21.31
CA SER A 31 3.08 -3.74 -20.76
C SER A 31 3.38 -3.08 -19.43
N ILE A 32 4.05 -3.82 -18.55
CA ILE A 32 4.40 -3.33 -17.23
C ILE A 32 5.28 -2.10 -17.31
N PHE A 33 6.29 -2.14 -18.17
CA PHE A 33 7.20 -1.00 -18.31
C PHE A 33 6.42 0.27 -18.66
N GLU A 34 5.65 0.19 -19.73
CA GLU A 34 4.87 1.31 -20.23
C GLU A 34 3.97 1.91 -19.14
N GLU A 35 3.34 1.05 -18.34
CA GLU A 35 2.43 1.53 -17.29
C GLU A 35 3.17 2.18 -16.12
N VAL A 36 4.32 1.65 -15.78
CA VAL A 36 5.12 2.24 -14.71
C VAL A 36 5.52 3.64 -15.19
N MET A 37 5.93 3.74 -16.44
CA MET A 37 6.32 5.03 -17.00
C MET A 37 5.16 6.04 -17.06
N ALA A 38 3.93 5.57 -17.22
CA ALA A 38 2.80 6.49 -17.22
C ALA A 38 2.72 7.10 -15.82
N VAL A 39 2.86 6.25 -14.81
CA VAL A 39 2.81 6.69 -13.42
C VAL A 39 3.95 7.67 -13.14
N ARG A 40 5.14 7.35 -13.64
CA ARG A 40 6.34 8.18 -13.42
C ARG A 40 6.38 9.45 -14.25
N LYS A 41 5.65 9.48 -15.35
CA LYS A 41 5.68 10.65 -16.23
C LYS A 41 4.39 11.48 -16.27
N SER A 42 3.24 10.82 -16.36
CA SER A 42 1.98 11.55 -16.40
C SER A 42 0.99 11.05 -15.34
N VAL A 43 0.26 10.00 -15.66
CA VAL A 43 -0.69 9.43 -14.73
C VAL A 43 -1.10 8.01 -15.10
N GLY A 44 -1.21 7.18 -14.07
CA GLY A 44 -1.61 5.80 -14.24
C GLY A 44 -2.83 5.58 -13.36
N MET A 45 -3.87 5.01 -13.95
CA MET A 45 -5.10 4.75 -13.20
C MET A 45 -5.14 3.27 -12.82
N PHE A 46 -5.29 3.00 -11.52
CA PHE A 46 -5.34 1.65 -10.99
C PHE A 46 -6.70 1.28 -10.42
N ASP A 47 -7.16 0.08 -10.71
CA ASP A 47 -8.40 -0.41 -10.15
C ASP A 47 -7.95 -1.17 -8.91
N VAL A 48 -8.24 -0.64 -7.73
CA VAL A 48 -7.86 -1.32 -6.51
C VAL A 48 -9.07 -1.66 -5.65
N SER A 49 -10.17 -2.00 -6.33
CA SER A 49 -11.42 -2.33 -5.63
C SER A 49 -11.38 -3.65 -4.90
N HIS A 50 -10.27 -4.38 -5.06
CA HIS A 50 -10.13 -5.65 -4.37
C HIS A 50 -9.79 -5.41 -2.89
N MET A 51 -9.37 -4.20 -2.56
CA MET A 51 -9.06 -3.90 -1.18
C MET A 51 -10.33 -3.77 -0.35
N GLY A 52 -10.19 -3.91 0.96
CA GLY A 52 -11.36 -3.81 1.81
C GLY A 52 -11.53 -2.51 2.58
N GLU A 53 -12.79 -2.16 2.81
CA GLU A 53 -13.10 -0.95 3.55
C GLU A 53 -14.02 -1.35 4.71
N PHE A 54 -13.62 -0.95 5.92
CA PHE A 54 -14.39 -1.23 7.13
C PHE A 54 -14.90 0.11 7.65
N LEU A 55 -16.10 0.11 8.22
CA LEU A 55 -16.68 1.31 8.76
C LEU A 55 -16.86 1.21 10.27
N VAL A 56 -16.35 2.19 10.99
CA VAL A 56 -16.49 2.20 12.44
C VAL A 56 -17.37 3.40 12.79
N LYS A 57 -18.56 3.13 13.34
CA LYS A 57 -19.48 4.19 13.73
C LYS A 57 -19.82 4.10 15.20
N GLY A 58 -19.87 5.26 15.86
CA GLY A 58 -20.17 5.29 17.29
C GLY A 58 -19.38 6.35 18.04
N PRO A 59 -19.86 6.74 19.24
CA PRO A 59 -19.24 7.75 20.09
C PRO A 59 -17.76 7.50 20.42
N GLU A 60 -17.35 6.23 20.43
CA GLU A 60 -15.95 5.92 20.75
C GLU A 60 -15.16 5.41 19.55
N ALA A 61 -15.50 5.90 18.37
CA ALA A 61 -14.84 5.49 17.15
C ALA A 61 -13.34 5.78 17.24
N VAL A 62 -13.00 6.98 17.66
CA VAL A 62 -11.61 7.38 17.78
C VAL A 62 -10.79 6.45 18.67
N SER A 63 -11.17 6.34 19.94
CA SER A 63 -10.44 5.50 20.87
C SER A 63 -10.38 4.02 20.47
N PHE A 64 -11.39 3.52 19.77
CA PHE A 64 -11.37 2.11 19.34
C PHE A 64 -10.23 1.95 18.35
N ILE A 65 -10.24 2.78 17.30
CA ILE A 65 -9.18 2.72 16.32
C ILE A 65 -7.82 2.94 16.99
N ASP A 66 -7.77 3.87 17.93
CA ASP A 66 -6.52 4.18 18.63
C ASP A 66 -6.03 2.98 19.43
N PHE A 67 -6.96 2.15 19.88
CA PHE A 67 -6.63 0.95 20.64
C PHE A 67 -6.07 -0.15 19.74
N LEU A 68 -6.58 -0.19 18.51
CA LEU A 68 -6.19 -1.20 17.54
C LEU A 68 -4.91 -0.90 16.76
N ILE A 69 -4.77 0.33 16.29
CA ILE A 69 -3.59 0.70 15.50
C ILE A 69 -2.43 1.23 16.32
N THR A 70 -1.22 1.05 15.79
CA THR A 70 -0.02 1.48 16.50
C THR A 70 0.20 2.98 16.41
N ASN A 71 -0.33 3.59 15.37
CA ASN A 71 -0.15 5.02 15.19
C ASN A 71 -1.15 5.81 16.02
N ASP A 72 -0.88 7.09 16.22
CA ASP A 72 -1.74 7.95 17.01
C ASP A 72 -2.94 8.52 16.27
N PHE A 73 -4.08 7.83 16.37
CA PHE A 73 -5.31 8.25 15.72
C PHE A 73 -6.09 9.24 16.60
N SER A 74 -5.86 9.17 17.90
CA SER A 74 -6.56 10.04 18.83
C SER A 74 -6.37 11.53 18.56
N SER A 75 -5.27 11.90 17.92
CA SER A 75 -5.04 13.30 17.66
C SER A 75 -5.48 13.77 16.29
N LEU A 76 -5.74 12.83 15.38
CA LEU A 76 -6.15 13.20 14.05
C LEU A 76 -7.43 14.02 14.02
N PRO A 77 -7.45 15.10 13.23
CA PRO A 77 -8.62 15.96 13.10
C PRO A 77 -9.41 15.48 11.88
N ASP A 78 -10.69 15.84 11.82
CA ASP A 78 -11.56 15.45 10.72
C ASP A 78 -10.90 15.65 9.35
N GLY A 79 -11.21 14.76 8.41
CA GLY A 79 -10.66 14.86 7.07
C GLY A 79 -9.20 14.53 6.95
N LYS A 80 -8.65 13.91 7.98
CA LYS A 80 -7.25 13.52 7.96
C LYS A 80 -7.17 11.99 7.98
N ALA A 81 -6.21 11.46 7.23
CA ALA A 81 -6.00 10.01 7.17
C ALA A 81 -4.63 9.72 7.77
N ILE A 82 -4.36 8.46 8.07
CA ILE A 82 -3.07 8.10 8.67
C ILE A 82 -2.65 6.67 8.34
N TYR A 83 -1.42 6.50 7.88
CA TYR A 83 -0.90 5.18 7.55
C TYR A 83 -0.45 4.53 8.84
N SER A 84 -0.75 3.26 9.01
CA SER A 84 -0.38 2.59 10.24
C SER A 84 -0.34 1.07 10.09
N VAL A 85 -0.01 0.40 11.18
CA VAL A 85 0.06 -1.04 11.23
C VAL A 85 -0.81 -1.48 12.41
N MET A 86 -1.29 -2.73 12.38
CA MET A 86 -2.12 -3.30 13.44
C MET A 86 -1.33 -4.50 13.95
N CYS A 87 -1.10 -4.58 15.26
CA CYS A 87 -0.35 -5.69 15.82
C CYS A 87 -1.17 -6.60 16.73
N ASN A 88 -0.72 -7.84 16.91
CA ASN A 88 -1.41 -8.77 17.81
C ASN A 88 -0.78 -8.59 19.19
N GLU A 89 -1.24 -9.36 20.17
CA GLU A 89 -0.72 -9.26 21.54
C GLU A 89 0.81 -9.36 21.62
N ASN A 90 1.43 -10.04 20.67
CA ASN A 90 2.88 -10.21 20.70
C ASN A 90 3.66 -9.24 19.81
N GLY A 91 3.03 -8.18 19.35
CA GLY A 91 3.72 -7.24 18.51
C GLY A 91 3.88 -7.64 17.05
N GLY A 92 3.38 -8.82 16.69
CA GLY A 92 3.47 -9.24 15.29
C GLY A 92 2.54 -8.37 14.46
N ILE A 93 2.81 -8.21 13.17
CA ILE A 93 1.95 -7.39 12.35
C ILE A 93 0.83 -8.15 11.64
N ILE A 94 -0.40 -7.83 12.04
CA ILE A 94 -1.60 -8.44 11.48
C ILE A 94 -1.80 -7.91 10.05
N ASP A 95 -1.61 -6.60 9.88
CA ASP A 95 -1.75 -5.96 8.58
C ASP A 95 -1.31 -4.50 8.69
N ASP A 96 -1.12 -3.86 7.53
CA ASP A 96 -0.79 -2.44 7.53
C ASP A 96 -2.00 -1.85 6.83
N LEU A 97 -2.30 -0.57 7.09
CA LEU A 97 -3.50 0.02 6.49
C LEU A 97 -3.54 1.53 6.56
N VAL A 98 -4.69 2.06 6.20
CA VAL A 98 -4.95 3.49 6.21
C VAL A 98 -6.32 3.73 6.84
N VAL A 99 -6.36 4.58 7.86
CA VAL A 99 -7.60 4.91 8.55
C VAL A 99 -7.96 6.37 8.31
N TYR A 100 -9.23 6.60 8.00
CA TYR A 100 -9.73 7.94 7.74
C TYR A 100 -10.57 8.45 8.90
N LYS A 101 -10.21 9.63 9.41
CA LYS A 101 -10.93 10.24 10.52
C LYS A 101 -12.01 11.14 9.88
N VAL A 102 -13.19 10.57 9.63
CA VAL A 102 -14.27 11.35 9.03
C VAL A 102 -14.79 12.34 10.06
N SER A 103 -15.07 11.82 11.26
CA SER A 103 -15.56 12.64 12.36
C SER A 103 -15.40 11.81 13.62
N PRO A 104 -15.62 12.42 14.79
CA PRO A 104 -15.49 11.71 16.06
C PRO A 104 -16.37 10.46 16.13
N ASP A 105 -17.47 10.45 15.36
CA ASP A 105 -18.39 9.32 15.36
C ASP A 105 -18.21 8.35 14.19
N GLU A 106 -17.24 8.63 13.32
CA GLU A 106 -17.04 7.77 12.17
C GLU A 106 -15.63 7.72 11.58
N ALA A 107 -15.16 6.51 11.33
CA ALA A 107 -13.85 6.28 10.75
C ALA A 107 -13.95 5.22 9.65
N LEU A 108 -12.99 5.22 8.73
CA LEU A 108 -12.95 4.27 7.64
C LEU A 108 -11.57 3.61 7.64
N MET A 109 -11.55 2.29 7.62
CA MET A 109 -10.29 1.56 7.61
C MET A 109 -10.21 0.87 6.25
N VAL A 110 -9.08 1.02 5.58
CA VAL A 110 -8.86 0.41 4.27
C VAL A 110 -7.70 -0.56 4.39
N VAL A 111 -7.97 -1.83 4.15
CA VAL A 111 -6.96 -2.87 4.29
C VAL A 111 -6.70 -3.66 3.01
N ASN A 112 -5.69 -4.52 3.09
CA ASN A 112 -5.28 -5.38 1.97
C ASN A 112 -6.28 -6.48 1.67
N ALA A 113 -6.46 -6.76 0.39
CA ALA A 113 -7.39 -7.79 -0.08
C ALA A 113 -7.28 -9.15 0.61
N ALA A 114 -6.10 -9.74 0.63
CA ALA A 114 -5.94 -11.06 1.25
C ALA A 114 -6.22 -11.08 2.74
N ASN A 115 -6.30 -9.91 3.37
CA ASN A 115 -6.54 -9.88 4.81
C ASN A 115 -7.92 -9.39 5.24
N ILE A 116 -8.82 -9.15 4.30
CA ILE A 116 -10.15 -8.66 4.68
C ILE A 116 -10.78 -9.46 5.80
N GLU A 117 -10.91 -10.77 5.60
CA GLU A 117 -11.51 -11.66 6.59
C GLU A 117 -10.76 -11.67 7.92
N LYS A 118 -9.46 -11.95 7.86
CA LYS A 118 -8.66 -11.99 9.07
C LYS A 118 -8.75 -10.67 9.83
N ASP A 119 -8.64 -9.55 9.11
CA ASP A 119 -8.70 -8.23 9.74
C ASP A 119 -10.06 -7.93 10.37
N PHE A 120 -11.11 -8.13 9.59
CA PHE A 120 -12.46 -7.86 10.08
C PHE A 120 -12.77 -8.67 11.32
N ASN A 121 -12.39 -9.95 11.31
CA ASN A 121 -12.62 -10.84 12.44
C ASN A 121 -11.82 -10.32 13.64
N TRP A 122 -10.60 -9.87 13.40
CA TRP A 122 -9.77 -9.37 14.47
C TRP A 122 -10.35 -8.09 15.04
N ILE A 123 -10.76 -7.18 14.16
CA ILE A 123 -11.32 -5.91 14.57
C ILE A 123 -12.63 -6.12 15.36
N LYS A 124 -13.56 -6.90 14.81
CA LYS A 124 -14.83 -7.16 15.49
C LYS A 124 -14.65 -7.84 16.84
N SER A 125 -13.68 -8.74 16.93
CA SER A 125 -13.45 -9.43 18.19
C SER A 125 -12.73 -8.54 19.21
N HIS A 126 -12.67 -7.23 18.96
CA HIS A 126 -12.04 -6.32 19.91
C HIS A 126 -12.91 -5.09 20.17
N SER A 127 -14.16 -5.13 19.71
CA SER A 127 -15.07 -4.01 19.88
C SER A 127 -15.85 -4.04 21.20
N LYS A 128 -15.92 -5.21 21.81
CA LYS A 128 -16.65 -5.39 23.06
C LYS A 128 -16.69 -4.18 24.02
N ASN A 129 -15.54 -3.71 24.49
CA ASN A 129 -15.51 -2.58 25.42
C ASN A 129 -15.50 -1.19 24.81
N PHE A 130 -16.04 -1.07 23.61
CA PHE A 130 -16.12 0.23 22.96
C PHE A 130 -17.51 0.46 22.42
N ASP A 131 -17.97 1.70 22.52
CA ASP A 131 -19.30 2.05 22.04
C ASP A 131 -19.23 2.31 20.55
N VAL A 132 -19.13 1.24 19.76
CA VAL A 132 -19.03 1.37 18.32
C VAL A 132 -19.75 0.23 17.63
N GLU A 133 -19.95 0.40 16.33
CA GLU A 133 -20.56 -0.63 15.49
C GLU A 133 -19.63 -0.73 14.30
N VAL A 134 -19.09 -1.92 14.09
CA VAL A 134 -18.15 -2.16 13.03
C VAL A 134 -18.80 -2.95 11.92
N SER A 135 -18.62 -2.49 10.68
CA SER A 135 -19.19 -3.20 9.56
C SER A 135 -18.26 -3.17 8.35
N ASN A 136 -18.35 -4.22 7.54
CA ASN A 136 -17.54 -4.34 6.34
C ASN A 136 -18.38 -3.81 5.19
N ILE A 137 -17.89 -2.80 4.48
CA ILE A 137 -18.67 -2.27 3.36
C ILE A 137 -18.01 -2.60 2.03
N SER A 138 -17.00 -3.47 2.09
CA SER A 138 -16.25 -3.89 0.91
C SER A 138 -17.10 -4.42 -0.24
N ASP A 139 -18.08 -5.25 0.08
CA ASP A 139 -18.95 -5.86 -0.92
C ASP A 139 -19.66 -4.88 -1.86
N THR A 140 -19.80 -3.63 -1.45
CA THR A 140 -20.47 -2.64 -2.30
C THR A 140 -19.64 -1.39 -2.50
N THR A 141 -18.35 -1.48 -2.25
CA THR A 141 -17.46 -0.33 -2.39
C THR A 141 -16.34 -0.53 -3.39
N ALA A 142 -16.08 0.48 -4.20
CA ALA A 142 -15.02 0.43 -5.19
C ALA A 142 -13.97 1.48 -4.84
N LEU A 143 -12.76 1.29 -5.32
CA LEU A 143 -11.67 2.22 -5.04
C LEU A 143 -10.77 2.35 -6.25
N ILE A 144 -10.45 3.59 -6.62
CA ILE A 144 -9.60 3.81 -7.79
C ILE A 144 -8.41 4.71 -7.44
N ALA A 145 -7.22 4.29 -7.85
CA ALA A 145 -6.04 5.08 -7.60
C ALA A 145 -5.64 5.76 -8.91
N PHE A 146 -5.53 7.08 -8.87
CA PHE A 146 -5.18 7.91 -10.03
C PHE A 146 -3.84 8.53 -9.61
N GLN A 147 -2.75 7.93 -10.07
CA GLN A 147 -1.42 8.37 -9.67
C GLN A 147 -0.56 8.94 -10.78
N GLY A 148 0.25 9.93 -10.43
CA GLY A 148 1.12 10.53 -11.42
C GLY A 148 1.33 12.01 -11.21
N PRO A 149 2.44 12.55 -11.73
CA PRO A 149 2.75 13.97 -11.58
C PRO A 149 1.72 14.87 -12.25
N LYS A 150 0.96 14.32 -13.20
CA LYS A 150 -0.07 15.09 -13.89
C LYS A 150 -1.47 14.70 -13.42
N ALA A 151 -1.53 13.90 -12.37
CA ALA A 151 -2.79 13.40 -11.81
C ALA A 151 -3.78 14.50 -11.44
N GLN A 152 -3.34 15.47 -10.65
CA GLN A 152 -4.20 16.55 -10.21
C GLN A 152 -4.76 17.38 -11.35
N GLU A 153 -3.86 17.92 -12.18
CA GLU A 153 -4.28 18.75 -13.29
C GLU A 153 -5.21 18.01 -14.26
N THR A 154 -5.13 16.68 -14.26
CA THR A 154 -5.97 15.87 -15.16
C THR A 154 -7.33 15.53 -14.55
N LEU A 155 -7.32 15.10 -13.29
CA LEU A 155 -8.53 14.73 -12.56
C LEU A 155 -9.46 15.90 -12.26
N GLN A 156 -8.87 17.04 -11.91
CA GLN A 156 -9.61 18.24 -11.55
C GLN A 156 -10.89 18.60 -12.31
N GLU A 157 -10.85 18.59 -13.64
CA GLU A 157 -12.03 18.98 -14.41
C GLU A 157 -13.25 18.08 -14.28
N LEU A 158 -13.14 17.00 -13.51
CA LEU A 158 -14.28 16.11 -13.29
C LEU A 158 -14.70 16.14 -11.84
N VAL A 159 -13.96 16.89 -11.03
CA VAL A 159 -14.27 16.97 -9.61
C VAL A 159 -14.79 18.36 -9.27
N GLU A 160 -15.90 18.40 -8.53
CA GLU A 160 -16.53 19.67 -8.18
C GLU A 160 -15.78 20.61 -7.25
N ASP A 161 -14.96 20.07 -6.34
CA ASP A 161 -14.22 20.93 -5.42
C ASP A 161 -12.75 21.06 -5.83
N GLY A 162 -12.07 22.05 -5.27
CA GLY A 162 -10.66 22.25 -5.58
C GLY A 162 -9.79 21.14 -5.00
N LEU A 163 -9.09 20.41 -5.88
CA LEU A 163 -8.21 19.33 -5.43
C LEU A 163 -7.03 19.92 -4.67
N GLU A 164 -6.53 21.03 -5.18
CA GLU A 164 -5.39 21.71 -4.58
C GLU A 164 -5.52 21.88 -3.07
N GLU A 165 -6.75 22.03 -2.59
CA GLU A 165 -6.97 22.23 -1.16
C GLU A 165 -6.87 20.94 -0.34
N ILE A 166 -6.81 19.80 -1.00
CA ILE A 166 -6.69 18.54 -0.27
C ILE A 166 -5.21 18.27 -0.06
N ALA A 167 -4.75 18.34 1.18
CA ALA A 167 -3.35 18.10 1.49
C ALA A 167 -2.99 16.60 1.47
N TYR A 168 -1.69 16.31 1.41
CA TYR A 168 -1.23 14.93 1.40
C TYR A 168 -1.86 14.20 2.61
N TYR A 169 -2.39 13.01 2.40
CA TYR A 169 -3.03 12.24 3.46
C TYR A 169 -4.22 12.98 4.10
N SER A 170 -5.00 13.65 3.26
CA SER A 170 -6.20 14.35 3.68
C SER A 170 -7.23 13.97 2.64
N PHE A 171 -8.50 14.08 2.98
CA PHE A 171 -9.56 13.70 2.04
C PHE A 171 -10.77 14.60 2.24
N ARG A 172 -11.76 14.43 1.37
CA ARG A 172 -13.00 15.21 1.47
C ARG A 172 -14.05 14.58 0.56
N LYS A 173 -15.30 14.57 1.02
CA LYS A 173 -16.40 14.02 0.24
C LYS A 173 -16.63 14.99 -0.90
N SER A 174 -16.79 14.49 -2.11
CA SER A 174 -17.01 15.36 -3.25
C SER A 174 -17.68 14.60 -4.39
N ILE A 175 -17.96 15.29 -5.48
CA ILE A 175 -18.59 14.69 -6.65
C ILE A 175 -17.58 14.55 -7.80
N VAL A 176 -17.46 13.33 -8.31
CA VAL A 176 -16.54 13.05 -9.40
C VAL A 176 -17.32 12.47 -10.56
N ALA A 177 -17.29 13.15 -11.70
CA ALA A 177 -18.02 12.67 -12.86
C ALA A 177 -19.48 12.43 -12.48
N GLY A 178 -20.01 13.30 -11.63
CA GLY A 178 -21.39 13.19 -11.21
C GLY A 178 -21.78 12.21 -10.11
N VAL A 179 -20.81 11.64 -9.39
CA VAL A 179 -21.17 10.70 -8.32
C VAL A 179 -20.48 10.98 -6.99
N GLU A 180 -21.19 10.69 -5.89
CA GLU A 180 -20.65 10.89 -4.54
C GLU A 180 -19.35 10.11 -4.48
N THR A 181 -18.28 10.75 -4.05
CA THR A 181 -16.99 10.09 -3.98
C THR A 181 -16.11 10.67 -2.91
N LEU A 182 -15.39 9.80 -2.20
CA LEU A 182 -14.47 10.24 -1.18
C LEU A 182 -13.12 10.35 -1.89
N VAL A 183 -12.60 11.57 -1.95
CA VAL A 183 -11.33 11.85 -2.62
C VAL A 183 -10.24 12.15 -1.59
N SER A 184 -9.19 11.34 -1.61
CA SER A 184 -8.07 11.52 -0.68
C SER A 184 -6.77 11.67 -1.46
N ARG A 185 -5.88 12.52 -0.97
CA ARG A 185 -4.60 12.68 -1.64
C ARG A 185 -3.67 11.62 -1.07
N THR A 186 -3.83 10.40 -1.59
CA THR A 186 -3.06 9.25 -1.14
C THR A 186 -2.66 8.39 -2.32
N GLY A 187 -1.85 7.38 -2.05
CA GLY A 187 -1.40 6.52 -3.12
C GLY A 187 -0.34 5.54 -2.66
N TYR A 188 0.10 4.69 -3.57
CA TYR A 188 1.05 3.63 -3.26
C TYR A 188 2.13 3.64 -4.35
N THR A 189 2.42 4.81 -4.89
CA THR A 189 3.36 4.91 -5.99
C THR A 189 4.60 5.75 -5.76
N GLY A 190 4.49 6.72 -4.86
CA GLY A 190 5.63 7.58 -4.62
C GLY A 190 5.52 8.84 -5.46
N GLU A 191 4.44 8.95 -6.22
CA GLU A 191 4.19 10.12 -7.05
C GLU A 191 3.00 10.85 -6.41
N ASP A 192 2.66 12.02 -6.93
CA ASP A 192 1.49 12.72 -6.41
C ASP A 192 0.33 11.89 -6.95
N GLY A 193 -0.84 11.99 -6.33
CA GLY A 193 -1.97 11.22 -6.82
C GLY A 193 -3.15 11.22 -5.87
N PHE A 194 -4.22 10.55 -6.26
CA PHE A 194 -5.41 10.49 -5.43
C PHE A 194 -6.05 9.11 -5.47
N GLU A 195 -6.92 8.86 -4.50
CA GLU A 195 -7.64 7.61 -4.46
C GLU A 195 -9.10 8.01 -4.35
N LEU A 196 -9.92 7.42 -5.22
CA LEU A 196 -11.34 7.71 -5.27
C LEU A 196 -12.14 6.52 -4.73
N MET A 197 -12.81 6.71 -3.59
CA MET A 197 -13.62 5.64 -2.99
C MET A 197 -15.08 5.92 -3.35
N LEU A 198 -15.76 4.93 -3.91
CA LEU A 198 -17.14 5.13 -4.32
C LEU A 198 -17.99 3.87 -4.33
N GLU A 199 -19.29 4.05 -4.52
CA GLU A 199 -20.20 2.93 -4.58
C GLU A 199 -19.86 2.08 -5.80
N ALA A 200 -19.71 0.78 -5.59
CA ALA A 200 -19.37 -0.13 -6.67
C ALA A 200 -20.17 0.10 -7.96
N LYS A 201 -21.46 0.38 -7.82
CA LYS A 201 -22.30 0.59 -9.00
C LYS A 201 -21.86 1.77 -9.86
N ASN A 202 -21.18 2.75 -9.27
CA ASN A 202 -20.75 3.92 -10.04
C ASN A 202 -19.35 3.82 -10.61
N ALA A 203 -18.64 2.77 -10.22
CA ALA A 203 -17.27 2.57 -10.69
C ALA A 203 -17.12 2.60 -12.21
N PRO A 204 -17.98 1.89 -12.94
CA PRO A 204 -17.89 1.88 -14.39
C PRO A 204 -17.91 3.26 -15.06
N LYS A 205 -18.84 4.12 -14.68
CA LYS A 205 -18.90 5.43 -15.30
C LYS A 205 -17.76 6.35 -14.88
N VAL A 206 -17.30 6.24 -13.64
CA VAL A 206 -16.20 7.09 -13.20
C VAL A 206 -14.95 6.68 -13.96
N TRP A 207 -14.75 5.37 -14.09
CA TRP A 207 -13.61 4.82 -14.80
C TRP A 207 -13.63 5.22 -16.28
N ASP A 208 -14.80 5.14 -16.91
CA ASP A 208 -14.91 5.49 -18.32
C ASP A 208 -14.66 6.98 -18.54
N ALA A 209 -15.19 7.82 -17.65
CA ALA A 209 -14.97 9.24 -17.76
C ALA A 209 -13.46 9.51 -17.67
N LEU A 210 -12.83 8.94 -16.64
CA LEU A 210 -11.40 9.14 -16.44
C LEU A 210 -10.55 8.59 -17.59
N MET A 211 -10.95 7.46 -18.18
CA MET A 211 -10.20 6.88 -19.29
C MET A 211 -10.17 7.88 -20.46
N ASN A 212 -11.29 8.58 -20.67
CA ASN A 212 -11.35 9.55 -21.75
C ASN A 212 -10.30 10.64 -21.56
N LEU A 213 -10.06 11.02 -20.31
CA LEU A 213 -9.08 12.06 -20.01
C LEU A 213 -7.66 11.53 -20.16
N LEU A 214 -7.42 10.29 -19.77
CA LEU A 214 -6.09 9.69 -19.87
C LEU A 214 -5.54 9.71 -21.29
N ARG A 215 -6.35 9.25 -22.24
CA ARG A 215 -5.92 9.20 -23.63
C ARG A 215 -5.53 10.59 -24.11
N LYS A 216 -6.14 11.62 -23.53
CA LYS A 216 -5.83 12.97 -23.96
C LYS A 216 -4.49 13.51 -23.49
N ILE A 217 -4.04 13.14 -22.29
CA ILE A 217 -2.73 13.59 -21.82
C ILE A 217 -1.68 12.46 -21.84
N ASP A 218 -1.95 11.44 -22.65
CA ASP A 218 -1.02 10.32 -22.80
C ASP A 218 -0.89 9.38 -21.59
N GLY A 219 -1.91 9.34 -20.74
CA GLY A 219 -1.89 8.48 -19.56
C GLY A 219 -2.27 7.03 -19.84
N ARG A 220 -2.25 6.18 -18.82
CA ARG A 220 -2.56 4.76 -19.01
C ARG A 220 -3.22 4.05 -17.83
N PRO A 221 -4.15 3.13 -18.12
CA PRO A 221 -4.78 2.40 -17.02
C PRO A 221 -3.62 1.45 -16.67
N ALA A 222 -3.40 1.14 -15.40
CA ALA A 222 -2.29 0.29 -15.02
C ALA A 222 -2.67 -0.94 -14.20
N GLY A 223 -1.94 -2.02 -14.42
CA GLY A 223 -2.20 -3.26 -13.71
C GLY A 223 -1.41 -3.42 -12.41
N LEU A 224 -1.55 -4.59 -11.80
CA LEU A 224 -0.88 -4.90 -10.54
C LEU A 224 0.63 -4.99 -10.72
N GLY A 225 1.05 -5.39 -11.92
CA GLY A 225 2.46 -5.48 -12.21
C GLY A 225 3.11 -4.12 -11.96
N ALA A 226 2.58 -3.09 -12.59
CA ALA A 226 3.12 -1.75 -12.42
C ALA A 226 2.92 -1.28 -10.98
N ARG A 227 1.79 -1.66 -10.39
CA ARG A 227 1.52 -1.30 -9.01
C ARG A 227 2.65 -1.85 -8.13
N ASP A 228 3.06 -3.08 -8.38
CA ASP A 228 4.11 -3.67 -7.57
C ASP A 228 5.47 -3.03 -7.80
N VAL A 229 5.80 -2.73 -9.05
CA VAL A 229 7.09 -2.10 -9.35
C VAL A 229 7.17 -0.70 -8.73
N CYS A 230 6.09 0.07 -8.89
CA CYS A 230 6.08 1.43 -8.35
C CYS A 230 6.17 1.48 -6.83
N ARG A 231 5.45 0.61 -6.14
CA ARG A 231 5.49 0.62 -4.68
C ARG A 231 6.87 0.17 -4.17
N LEU A 232 7.45 -0.85 -4.82
CA LEU A 232 8.78 -1.30 -4.40
C LEU A 232 9.79 -0.17 -4.65
N GLU A 233 9.69 0.50 -5.79
CA GLU A 233 10.61 1.60 -6.09
C GLU A 233 10.47 2.65 -4.98
N ALA A 234 9.21 3.00 -4.67
CA ALA A 234 8.91 3.97 -3.63
C ALA A 234 9.33 3.38 -2.29
N THR A 235 9.54 2.07 -2.30
CA THR A 235 9.96 1.32 -1.13
C THR A 235 8.87 1.20 -0.07
N TYR A 236 7.63 1.03 -0.51
CA TYR A 236 6.54 0.83 0.43
C TYR A 236 6.47 -0.68 0.62
N LEU A 237 6.00 -1.10 1.79
CA LEU A 237 5.93 -2.52 2.07
C LEU A 237 4.68 -3.21 1.55
N LEU A 238 4.81 -4.50 1.29
CA LEU A 238 3.69 -5.30 0.81
C LEU A 238 3.46 -6.39 1.86
N TYR A 239 2.31 -6.34 2.51
CA TYR A 239 1.98 -7.31 3.55
C TYR A 239 1.93 -8.71 3.02
N GLY A 240 2.54 -9.63 3.76
CA GLY A 240 2.56 -11.02 3.34
C GLY A 240 3.88 -11.30 2.66
N GLN A 241 4.50 -10.27 2.09
CA GLN A 241 5.79 -10.42 1.42
C GLN A 241 6.94 -9.83 2.23
N ASP A 242 6.80 -8.56 2.62
CA ASP A 242 7.83 -7.88 3.38
C ASP A 242 7.58 -7.96 4.88
N MET A 243 6.34 -8.29 5.23
CA MET A 243 5.97 -8.37 6.63
C MET A 243 4.79 -9.28 6.86
N ASP A 244 4.71 -9.83 8.07
CA ASP A 244 3.63 -10.71 8.48
C ASP A 244 3.63 -10.81 10.01
N GLU A 245 2.77 -11.66 10.55
CA GLU A 245 2.68 -11.79 11.99
C GLU A 245 3.96 -12.23 12.68
N ASN A 246 4.99 -12.57 11.90
CA ASN A 246 6.27 -12.99 12.46
C ASN A 246 7.32 -11.87 12.44
N THR A 247 6.88 -10.65 12.18
CA THR A 247 7.79 -9.49 12.19
C THR A 247 7.10 -8.38 12.98
N ASN A 248 7.89 -7.60 13.72
CA ASN A 248 7.33 -6.48 14.46
C ASN A 248 7.72 -5.24 13.67
N PRO A 249 6.94 -4.15 13.79
CA PRO A 249 7.19 -2.89 13.07
C PRO A 249 8.64 -2.41 13.07
N PHE A 250 9.34 -2.61 14.18
CA PHE A 250 10.72 -2.16 14.28
C PHE A 250 11.67 -2.88 13.34
N GLU A 251 11.41 -4.15 13.07
CA GLU A 251 12.27 -4.94 12.20
C GLU A 251 12.14 -4.58 10.71
N VAL A 252 11.02 -3.98 10.35
CA VAL A 252 10.80 -3.63 8.95
C VAL A 252 10.81 -2.15 8.64
N GLY A 253 11.45 -1.37 9.52
CA GLY A 253 11.57 0.05 9.30
C GLY A 253 10.36 0.93 9.56
N LEU A 254 9.34 0.36 10.22
CA LEU A 254 8.11 1.10 10.51
C LEU A 254 7.97 1.62 11.93
N SER A 255 9.09 1.88 12.59
CA SER A 255 9.05 2.42 13.95
C SER A 255 8.26 3.74 14.00
N TRP A 256 8.41 4.55 12.97
CA TRP A 256 7.73 5.84 12.93
C TRP A 256 6.21 5.82 13.00
N VAL A 257 5.58 4.67 12.73
CA VAL A 257 4.12 4.58 12.83
C VAL A 257 3.71 3.99 14.17
N VAL A 258 4.67 3.79 15.07
CA VAL A 258 4.41 3.23 16.38
C VAL A 258 4.65 4.25 17.51
N LYS A 259 3.58 4.62 18.21
CA LYS A 259 3.66 5.60 19.29
C LYS A 259 3.47 4.91 20.63
N LEU A 260 4.59 4.55 21.24
CA LEU A 260 4.61 3.84 22.52
C LEU A 260 4.11 4.65 23.72
N ASN A 261 3.77 5.91 23.52
CA ASN A 261 3.30 6.71 24.64
C ASN A 261 1.81 6.55 24.87
N LYS A 262 1.12 5.80 24.01
CA LYS A 262 -0.32 5.56 24.17
C LYS A 262 -0.61 4.07 24.29
N ASP A 263 -1.86 3.73 24.58
CA ASP A 263 -2.25 2.32 24.75
C ASP A 263 -2.82 1.66 23.50
N PHE A 264 -2.32 0.47 23.19
CA PHE A 264 -2.80 -0.29 22.04
C PHE A 264 -2.42 -1.75 22.15
N VAL A 265 -3.02 -2.57 21.30
CA VAL A 265 -2.75 -4.00 21.31
C VAL A 265 -1.33 -4.27 20.83
N GLY A 266 -0.57 -5.01 21.64
CA GLY A 266 0.79 -5.34 21.29
C GLY A 266 1.80 -4.38 21.89
N LYS A 267 1.28 -3.32 22.51
CA LYS A 267 2.09 -2.27 23.13
C LYS A 267 3.16 -2.80 24.10
N GLU A 268 2.76 -3.64 25.04
CA GLU A 268 3.70 -4.20 26.00
C GLU A 268 4.77 -5.01 25.28
N ALA A 269 4.33 -5.88 24.38
CA ALA A 269 5.27 -6.70 23.64
C ALA A 269 6.23 -5.85 22.81
N LEU A 270 5.76 -4.71 22.34
CA LEU A 270 6.60 -3.83 21.53
C LEU A 270 7.63 -3.08 22.36
N LEU A 271 7.30 -2.79 23.60
CA LEU A 271 8.24 -2.08 24.45
C LEU A 271 9.49 -2.92 24.59
N LYS A 272 9.29 -4.21 24.86
CA LYS A 272 10.41 -5.13 25.00
C LYS A 272 11.15 -5.28 23.67
N ALA A 273 10.38 -5.40 22.58
CA ALA A 273 10.93 -5.58 21.24
C ALA A 273 11.88 -4.48 20.82
N LYS A 274 11.44 -3.22 20.97
CA LYS A 274 12.26 -2.11 20.55
C LYS A 274 13.59 -2.06 21.29
N GLU A 275 13.71 -2.75 22.42
CA GLU A 275 14.96 -2.75 23.15
C GLU A 275 15.95 -3.73 22.50
N LYS A 276 15.41 -4.71 21.76
CA LYS A 276 16.21 -5.74 21.09
C LYS A 276 15.90 -5.92 19.60
N VAL A 277 16.15 -4.87 18.83
CA VAL A 277 15.91 -4.93 17.40
C VAL A 277 17.10 -5.61 16.70
N GLU A 278 16.93 -6.90 16.40
CA GLU A 278 17.99 -7.69 15.78
C GLU A 278 17.95 -7.79 14.25
N ARG A 279 16.82 -7.44 13.65
CA ARG A 279 16.69 -7.52 12.20
C ARG A 279 16.30 -6.18 11.56
N LYS A 280 16.55 -6.06 10.26
CA LYS A 280 16.21 -4.85 9.55
C LYS A 280 15.86 -5.16 8.09
N LEU A 281 15.11 -4.26 7.46
CA LEU A 281 14.73 -4.47 6.06
C LEU A 281 15.63 -3.53 5.27
N VAL A 282 16.40 -4.09 4.36
CA VAL A 282 17.31 -3.28 3.55
C VAL A 282 16.95 -3.32 2.08
N ALA A 283 17.41 -2.29 1.37
CA ALA A 283 17.17 -2.15 -0.05
C ALA A 283 18.40 -2.64 -0.80
N LEU A 284 18.19 -3.55 -1.74
CA LEU A 284 19.29 -4.09 -2.52
C LEU A 284 19.17 -3.78 -4.00
N GLU A 285 20.34 -3.70 -4.64
CA GLU A 285 20.43 -3.45 -6.06
C GLU A 285 21.36 -4.53 -6.59
N LEU A 286 20.78 -5.47 -7.35
CA LEU A 286 21.51 -6.61 -7.90
C LEU A 286 22.15 -6.36 -9.26
N SER A 287 23.19 -7.13 -9.55
CA SER A 287 23.88 -7.07 -10.83
C SER A 287 23.02 -7.95 -11.72
N GLY A 288 22.91 -7.63 -13.00
CA GLY A 288 22.12 -8.48 -13.87
C GLY A 288 20.66 -8.11 -14.02
N LYS A 289 19.98 -8.92 -14.83
CA LYS A 289 18.58 -8.76 -15.15
C LYS A 289 17.67 -9.73 -14.39
N ARG A 290 18.26 -10.69 -13.69
CA ARG A 290 17.46 -11.66 -12.93
C ARG A 290 16.77 -11.00 -11.73
N ILE A 291 15.55 -11.45 -11.45
CA ILE A 291 14.77 -10.91 -10.34
C ILE A 291 14.70 -11.87 -9.17
N ALA A 292 15.06 -11.36 -7.99
CA ALA A 292 15.04 -12.16 -6.77
C ALA A 292 13.60 -12.40 -6.33
N ARG A 293 13.35 -13.58 -5.80
CA ARG A 293 12.01 -13.93 -5.33
C ARG A 293 12.07 -14.12 -3.82
N LYS A 294 10.95 -13.92 -3.15
CA LYS A 294 10.86 -14.09 -1.69
C LYS A 294 11.47 -15.41 -1.25
N GLY A 295 12.23 -15.37 -0.16
CA GLY A 295 12.82 -16.59 0.35
C GLY A 295 14.27 -16.87 -0.07
N TYR A 296 14.74 -16.24 -1.15
CA TYR A 296 16.12 -16.46 -1.56
C TYR A 296 17.04 -16.02 -0.43
N GLU A 297 17.99 -16.88 -0.06
CA GLU A 297 18.92 -16.58 1.01
C GLU A 297 19.86 -15.43 0.66
N VAL A 298 20.16 -14.59 1.66
CA VAL A 298 21.07 -13.47 1.46
C VAL A 298 22.33 -13.69 2.28
N LEU A 299 23.48 -13.61 1.63
CA LEU A 299 24.77 -13.85 2.27
C LEU A 299 25.71 -12.64 2.32
N LYS A 300 26.66 -12.70 3.23
CA LYS A 300 27.69 -11.67 3.38
C LYS A 300 29.01 -12.43 3.57
N ASN A 301 29.82 -12.45 2.52
CA ASN A 301 31.10 -13.14 2.55
C ASN A 301 30.92 -14.61 2.92
N GLY A 302 29.89 -15.25 2.37
CA GLY A 302 29.67 -16.66 2.65
C GLY A 302 28.79 -16.98 3.83
N GLU A 303 28.55 -16.00 4.69
CA GLU A 303 27.70 -16.22 5.86
C GLU A 303 26.32 -15.63 5.61
N ARG A 304 25.31 -16.41 5.96
CA ARG A 304 23.91 -16.02 5.80
C ARG A 304 23.54 -14.89 6.76
N VAL A 305 22.84 -13.89 6.23
CA VAL A 305 22.42 -12.76 7.06
C VAL A 305 20.92 -12.47 6.93
N GLY A 306 20.22 -13.24 6.11
CA GLY A 306 18.79 -13.03 5.94
C GLY A 306 18.21 -13.62 4.68
N GLU A 307 17.10 -13.06 4.23
CA GLU A 307 16.44 -13.53 3.01
C GLU A 307 15.68 -12.43 2.27
N ILE A 308 15.44 -12.66 0.98
CA ILE A 308 14.71 -11.70 0.17
C ILE A 308 13.25 -11.70 0.61
N THR A 309 12.59 -10.55 0.53
CA THR A 309 11.18 -10.47 0.89
C THR A 309 10.43 -10.07 -0.39
N SER A 310 10.96 -9.10 -1.12
CA SER A 310 10.34 -8.65 -2.37
C SER A 310 11.41 -8.38 -3.43
N GLY A 311 11.07 -8.67 -4.68
CA GLY A 311 12.00 -8.45 -5.77
C GLY A 311 11.27 -7.99 -7.00
N ASN A 312 12.00 -7.34 -7.91
CA ASN A 312 11.40 -6.87 -9.15
C ASN A 312 12.40 -6.05 -9.92
N PHE A 313 12.06 -5.72 -11.16
CA PHE A 313 12.95 -4.93 -11.98
C PHE A 313 12.47 -3.49 -12.03
N SER A 314 13.36 -2.56 -11.74
CA SER A 314 13.02 -1.16 -11.74
C SER A 314 13.38 -0.50 -13.06
N PRO A 315 12.37 -0.13 -13.86
CA PRO A 315 12.71 0.52 -15.13
C PRO A 315 13.19 1.95 -14.89
N THR A 316 12.74 2.54 -13.79
CA THR A 316 13.13 3.90 -13.43
C THR A 316 14.64 3.98 -13.15
N LEU A 317 15.18 2.96 -12.50
CA LEU A 317 16.60 2.92 -12.18
C LEU A 317 17.35 1.98 -13.12
N GLY A 318 16.59 1.20 -13.89
CA GLY A 318 17.19 0.25 -14.82
C GLY A 318 18.03 -0.78 -14.08
N LYS A 319 17.49 -1.28 -12.96
CA LYS A 319 18.19 -2.25 -12.12
C LYS A 319 17.27 -3.29 -11.50
N SER A 320 17.80 -4.47 -11.21
CA SER A 320 17.04 -5.51 -10.56
C SER A 320 17.13 -5.10 -9.10
N ILE A 321 16.01 -4.75 -8.48
CA ILE A 321 16.01 -4.31 -7.09
C ILE A 321 15.22 -5.21 -6.17
N ALA A 322 15.44 -5.07 -4.86
CA ALA A 322 14.76 -5.92 -3.91
C ALA A 322 14.87 -5.45 -2.48
N LEU A 323 14.00 -6.01 -1.64
CA LEU A 323 13.98 -5.71 -0.22
C LEU A 323 14.39 -7.03 0.45
N ALA A 324 15.11 -6.94 1.56
CA ALA A 324 15.52 -8.15 2.29
C ALA A 324 15.57 -7.95 3.80
N LEU A 325 15.11 -8.96 4.53
CA LEU A 325 15.10 -8.93 5.99
C LEU A 325 16.42 -9.58 6.40
N VAL A 326 17.33 -8.77 6.93
CA VAL A 326 18.65 -9.26 7.30
C VAL A 326 19.03 -8.93 8.74
N SER A 327 20.19 -9.45 9.17
CA SER A 327 20.65 -9.19 10.52
C SER A 327 21.01 -7.73 10.66
N LYS A 328 20.91 -7.26 11.90
CA LYS A 328 21.20 -5.89 12.27
C LYS A 328 22.58 -5.40 11.81
N SER A 329 23.55 -6.30 11.70
CA SER A 329 24.92 -5.93 11.29
C SER A 329 25.14 -5.59 9.81
N VAL A 330 24.11 -5.74 8.98
CA VAL A 330 24.26 -5.40 7.57
C VAL A 330 24.21 -3.88 7.44
N LYS A 331 25.16 -3.31 6.71
CA LYS A 331 25.23 -1.87 6.55
C LYS A 331 25.17 -1.38 5.11
N ILE A 332 24.66 -0.15 4.94
CA ILE A 332 24.57 0.48 3.64
C ILE A 332 25.96 0.47 3.00
N GLY A 333 26.05 -0.07 1.80
CA GLY A 333 27.34 -0.13 1.12
C GLY A 333 27.92 -1.52 1.06
N ASP A 334 27.34 -2.43 1.83
CA ASP A 334 27.82 -3.81 1.85
C ASP A 334 27.58 -4.49 0.51
N GLN A 335 28.47 -5.43 0.20
CA GLN A 335 28.36 -6.24 -1.01
C GLN A 335 27.81 -7.57 -0.50
N LEU A 336 26.59 -7.92 -0.88
CA LEU A 336 25.99 -9.18 -0.41
C LEU A 336 25.81 -10.17 -1.54
N GLY A 337 25.27 -11.35 -1.21
CA GLY A 337 25.04 -12.37 -2.21
C GLY A 337 23.63 -12.96 -2.09
N VAL A 338 22.92 -13.06 -3.21
CA VAL A 338 21.58 -13.62 -3.20
C VAL A 338 21.62 -14.97 -3.89
N VAL A 339 21.28 -16.02 -3.16
CA VAL A 339 21.31 -17.35 -3.74
C VAL A 339 20.08 -17.63 -4.59
N PHE A 340 20.29 -17.77 -5.90
CA PHE A 340 19.18 -18.09 -6.79
C PHE A 340 19.10 -19.61 -6.90
N PRO A 341 17.97 -20.13 -7.39
CA PRO A 341 17.81 -21.58 -7.54
C PRO A 341 19.00 -22.27 -8.18
N GLY A 342 19.49 -23.33 -7.54
CA GLY A 342 20.64 -24.06 -8.07
C GLY A 342 21.93 -23.54 -7.49
N GLY A 343 21.83 -22.85 -6.36
CA GLY A 343 23.01 -22.31 -5.72
C GLY A 343 23.71 -21.21 -6.51
N LYS A 344 23.06 -20.69 -7.55
CA LYS A 344 23.65 -19.62 -8.35
C LYS A 344 23.65 -18.31 -7.56
N LEU A 345 24.85 -17.86 -7.21
CA LEU A 345 25.05 -16.63 -6.44
C LEU A 345 25.00 -15.38 -7.31
N VAL A 346 24.30 -14.37 -6.81
CA VAL A 346 24.19 -13.10 -7.51
C VAL A 346 24.52 -11.96 -6.57
N GLU A 347 25.48 -11.14 -6.99
CA GLU A 347 25.92 -10.00 -6.19
C GLU A 347 24.84 -8.95 -6.01
N ALA A 348 24.89 -8.27 -4.88
CA ALA A 348 23.92 -7.23 -4.57
C ALA A 348 24.56 -6.17 -3.69
N LEU A 349 24.13 -4.92 -3.88
CA LEU A 349 24.64 -3.81 -3.11
C LEU A 349 23.54 -3.25 -2.23
N VAL A 350 23.85 -3.07 -0.95
CA VAL A 350 22.90 -2.50 -0.01
C VAL A 350 22.92 -0.98 -0.23
N VAL A 351 21.78 -0.40 -0.56
CA VAL A 351 21.69 1.04 -0.78
C VAL A 351 20.69 1.69 0.16
N LYS A 352 20.79 3.00 0.28
CA LYS A 352 19.91 3.76 1.16
C LYS A 352 18.46 3.76 0.68
N LYS A 353 17.53 3.68 1.62
CA LYS A 353 16.11 3.69 1.30
C LYS A 353 15.60 5.14 1.26
N PRO A 354 14.66 5.43 0.35
CA PRO A 354 14.02 4.51 -0.61
C PRO A 354 14.77 4.55 -1.94
N PHE A 355 14.48 3.58 -2.82
CA PHE A 355 15.14 3.55 -4.13
C PHE A 355 14.84 4.82 -4.91
N TYR A 356 13.57 5.22 -4.89
CA TYR A 356 13.12 6.40 -5.63
C TYR A 356 11.97 7.16 -4.97
N ARG A 357 11.95 8.46 -5.20
CA ARG A 357 10.90 9.32 -4.67
C ARG A 357 10.52 10.30 -5.77
N GLY A 358 9.25 10.28 -6.15
CA GLY A 358 8.76 11.17 -7.20
C GLY A 358 8.12 12.44 -6.70
N SER A 359 6.97 12.79 -7.28
CA SER A 359 6.24 14.00 -6.93
C SER A 359 5.30 13.85 -5.73
N VAL A 360 5.30 12.72 -5.06
CA VAL A 360 4.43 12.56 -3.89
C VAL A 360 4.70 13.74 -2.96
N ARG A 361 3.67 14.22 -2.26
CA ARG A 361 3.87 15.36 -1.37
C ARG A 361 4.23 15.05 0.07
N ARG A 362 4.21 16.13 0.85
CA ARG A 362 4.49 16.13 2.27
C ARG A 362 5.43 15.03 2.70
N3 THG B . -4.39 2.77 -0.30
C2 THG B . -5.22 2.87 0.81
N1 THG B . -5.19 1.96 1.82
C8A THG B . -4.35 0.87 1.78
C4A THG B . -3.41 0.66 0.64
C4 THG B . -3.49 1.72 -0.45
N8 THG B . -4.31 -0.09 2.80
C7 THG B . -3.47 -1.31 2.91
C6 THG B . -2.17 -1.20 2.04
N5 THG B . -2.55 -0.56 0.73
C9 THG B . -1.15 -0.38 2.83
N10 THG B . 0.11 -0.15 2.12
C4' THG B . 0.65 1.10 2.10
C3' THG B . 2.06 1.29 2.38
C2' THG B . 2.64 2.62 2.37
C1' THG B . 1.80 3.75 2.08
C6' THG B . 0.40 3.54 1.79
C5' THG B . -0.18 2.25 1.80
C11 THG B . 2.28 5.19 2.06
N THG B . 3.42 5.49 2.77
CA THG B . 3.99 6.84 2.88
C THG B . 5.47 6.67 3.22
OX2 THG B . 6.33 7.48 2.86
OX1 THG B . 5.85 5.60 3.91
CB THG B . 3.17 7.48 4.00
CG THG B . 3.56 8.92 4.32
CD THG B . 2.73 9.55 5.44
OE1 THG B . 2.99 10.71 5.73
OE2 THG B . 1.74 8.90 6.08
O11 THG B . 1.66 6.07 1.45
O4 THG B . -2.73 1.62 -1.46
N2 THG B . -6.10 3.92 0.97
#